data_5C3K
#
_entry.id   5C3K
#
_cell.length_a   71.616
_cell.length_b   71.616
_cell.length_c   105.104
_cell.angle_alpha   90.00
_cell.angle_beta   90.00
_cell.angle_gamma   90.00
#
_symmetry.space_group_name_H-M   'P 41 2 2'
#
loop_
_entity.id
_entity.type
_entity.pdbx_description
1 polymer 'E3 ubiquitin-protein ligase XIAP'
2 non-polymer 'ZINC ION'
3 non-polymer (2S)-1-[(6-aminopyridin-2-yl)amino]-1-oxopropan-2-aminium
4 water water
#
_entity_poly.entity_id   1
_entity_poly.type   'polypeptide(L)'
_entity_poly.pdbx_seq_one_letter_code
;GSHMNFPNSTNLPRNPSMADYEARIFTFGTWIYSVNKEQLARAGFYALGEGDKVKCFHCGGGLTDWKPSEDPWEQHAKWY
PGCKYLLEQKGQEYINNIHLTHSLEECLVR
;
_entity_poly.pdbx_strand_id   A
#
loop_
_chem_comp.id
_chem_comp.type
_chem_comp.name
_chem_comp.formula
4XF non-polymer (2S)-1-[(6-aminopyridin-2-yl)amino]-1-oxopropan-2-aminium 'C8 H13 N4 O 1'
ZN non-polymer 'ZINC ION' 'Zn 2'
#
# COMPACT_ATOMS: atom_id res chain seq x y z
N ASN A 5 7.43 -12.96 7.62
CA ASN A 5 6.92 -13.34 6.27
C ASN A 5 7.50 -12.47 5.15
N PHE A 6 8.18 -13.08 4.18
CA PHE A 6 8.88 -12.31 3.14
C PHE A 6 7.89 -11.67 2.17
N PRO A 7 8.26 -10.51 1.58
CA PRO A 7 7.32 -9.82 0.66
C PRO A 7 7.33 -10.49 -0.72
N ASN A 8 6.16 -10.63 -1.34
CA ASN A 8 6.08 -11.25 -2.68
C ASN A 8 6.57 -10.28 -3.75
N SER A 9 7.63 -10.67 -4.46
CA SER A 9 8.14 -9.85 -5.56
C SER A 9 7.94 -10.46 -6.94
N THR A 10 7.09 -11.48 -7.03
CA THR A 10 6.76 -12.07 -8.34
C THR A 10 5.63 -11.27 -8.97
N ASN A 11 5.35 -11.57 -10.25
CA ASN A 11 4.28 -10.94 -10.98
C ASN A 11 2.92 -11.55 -10.71
N LEU A 12 2.86 -12.50 -9.79
CA LEU A 12 1.63 -13.19 -9.41
C LEU A 12 1.19 -12.75 -8.02
N PRO A 13 -0.11 -12.35 -7.88
CA PRO A 13 -0.61 -11.90 -6.57
C PRO A 13 -0.65 -13.02 -5.53
N ARG A 14 -0.26 -12.68 -4.31
CA ARG A 14 -0.33 -13.59 -3.18
C ARG A 14 -1.78 -13.92 -2.82
N ASN A 15 -2.66 -12.92 -2.94
CA ASN A 15 -4.07 -13.05 -2.67
C ASN A 15 -4.98 -12.70 -3.89
N PRO A 16 -5.13 -13.63 -4.87
CA PRO A 16 -6.03 -13.34 -5.99
C PRO A 16 -7.51 -13.08 -5.66
N SER A 17 -8.06 -13.62 -4.56
CA SER A 17 -9.44 -13.30 -4.16
C SER A 17 -9.64 -11.80 -3.90
N MET A 18 -8.54 -11.09 -3.66
CA MET A 18 -8.57 -9.63 -3.43
C MET A 18 -8.07 -8.81 -4.62
N ALA A 19 -7.99 -9.43 -5.81
CA ALA A 19 -7.47 -8.76 -7.00
C ALA A 19 -8.41 -7.68 -7.54
N ASP A 20 -9.72 -7.82 -7.28
CA ASP A 20 -10.70 -6.85 -7.79
C ASP A 20 -10.88 -5.71 -6.81
N TYR A 21 -10.87 -4.48 -7.33
CA TYR A 21 -11.13 -3.29 -6.52
C TYR A 21 -12.40 -3.44 -5.65
N GLU A 22 -13.48 -3.93 -6.24
CA GLU A 22 -14.76 -4.06 -5.55
C GLU A 22 -14.70 -5.03 -4.36
N ALA A 23 -13.98 -6.14 -4.53
CA ALA A 23 -13.77 -7.10 -3.45
C ALA A 23 -13.00 -6.45 -2.29
N ARG A 24 -11.98 -5.68 -2.63
CA ARG A 24 -11.17 -4.97 -1.64
C ARG A 24 -12.00 -3.97 -0.84
N ILE A 25 -12.86 -3.21 -1.54
CA ILE A 25 -13.75 -2.21 -0.92
C ILE A 25 -14.61 -2.83 0.19
N PHE A 26 -15.23 -3.98 -0.10
CA PHE A 26 -16.11 -4.66 0.84
C PHE A 26 -15.47 -4.94 2.21
N THR A 27 -14.15 -5.13 2.22
CA THR A 27 -13.44 -5.60 3.42
C THR A 27 -13.41 -4.55 4.54
N PHE A 28 -13.49 -3.27 4.16
CA PHE A 28 -13.38 -2.14 5.10
C PHE A 28 -14.62 -1.94 5.98
N GLY A 29 -15.82 -2.16 5.42
CA GLY A 29 -17.08 -1.75 6.06
C GLY A 29 -17.05 -0.25 6.36
N THR A 30 -17.79 0.17 7.39
CA THR A 30 -17.69 1.54 7.91
C THR A 30 -16.28 1.78 8.44
N TRP A 31 -15.60 2.76 7.85
CA TRP A 31 -14.18 3.01 8.09
C TRP A 31 -14.07 4.33 8.83
N ILE A 32 -13.58 4.27 10.07
CA ILE A 32 -13.47 5.49 10.90
C ILE A 32 -12.09 6.15 10.74
N TYR A 33 -11.17 5.47 10.07
CA TYR A 33 -9.76 5.84 10.10
C TYR A 33 -9.40 7.02 9.21
N SER A 34 -8.19 7.55 9.45
CA SER A 34 -7.74 8.85 8.91
C SER A 34 -7.51 8.85 7.39
N VAL A 35 -7.16 7.70 6.83
CA VAL A 35 -6.96 7.59 5.37
C VAL A 35 -8.20 6.97 4.71
N ASN A 36 -8.66 7.63 3.66
CA ASN A 36 -9.85 7.32 2.87
C ASN A 36 -9.80 5.89 2.26
N LYS A 37 -10.87 5.11 2.42
CA LYS A 37 -10.87 3.68 2.04
C LYS A 37 -10.77 3.43 0.53
N GLU A 38 -11.40 4.29 -0.28
CA GLU A 38 -11.29 4.16 -1.75
C GLU A 38 -9.87 4.39 -2.25
N GLN A 39 -9.17 5.35 -1.66
CA GLN A 39 -7.75 5.57 -1.91
C GLN A 39 -6.87 4.38 -1.53
N LEU A 40 -7.18 3.77 -0.39
CA LEU A 40 -6.46 2.57 0.05
C LEU A 40 -6.70 1.43 -0.93
N ALA A 41 -7.96 1.18 -1.26
CA ALA A 41 -8.33 0.11 -2.19
C ALA A 41 -7.72 0.29 -3.58
N ARG A 42 -7.65 1.54 -4.05
CA ARG A 42 -6.99 1.87 -5.32
C ARG A 42 -5.49 1.58 -5.37
N ALA A 43 -4.82 1.66 -4.21
CA ALA A 43 -3.40 1.37 -4.11
C ALA A 43 -3.13 -0.13 -3.81
N GLY A 44 -4.14 -0.97 -4.00
CA GLY A 44 -4.04 -2.42 -3.84
C GLY A 44 -4.40 -2.98 -2.48
N PHE A 45 -4.79 -2.10 -1.55
CA PHE A 45 -5.01 -2.50 -0.15
C PHE A 45 -6.43 -2.97 0.17
N TYR A 46 -6.51 -3.93 1.09
CA TYR A 46 -7.80 -4.37 1.67
C TYR A 46 -7.64 -4.40 3.19
N ALA A 47 -8.75 -4.24 3.92
CA ALA A 47 -8.72 -4.18 5.37
C ALA A 47 -8.67 -5.58 5.98
N LEU A 48 -7.87 -5.73 7.04
CA LEU A 48 -7.86 -6.96 7.84
C LEU A 48 -8.93 -6.97 8.94
N GLY A 49 -9.54 -5.81 9.20
CA GLY A 49 -10.50 -5.69 10.30
C GLY A 49 -9.79 -5.59 11.65
N GLU A 50 -8.50 -5.30 11.62
CA GLU A 50 -7.71 -5.13 12.85
C GLU A 50 -7.28 -3.67 12.96
N GLY A 51 -8.09 -2.83 13.60
CA GLY A 51 -7.84 -1.39 13.57
C GLY A 51 -7.68 -0.90 12.14
N ASP A 52 -6.66 -0.08 11.86
CA ASP A 52 -6.48 0.47 10.52
C ASP A 52 -5.55 -0.39 9.62
N LYS A 53 -5.25 -1.61 10.04
CA LYS A 53 -4.34 -2.49 9.30
C LYS A 53 -4.90 -2.86 7.94
N VAL A 54 -4.10 -2.61 6.89
CA VAL A 54 -4.39 -3.06 5.53
C VAL A 54 -3.25 -3.96 5.02
N LYS A 55 -3.51 -4.71 3.96
CA LYS A 55 -2.55 -5.59 3.32
C LYS A 55 -2.70 -5.42 1.81
N CYS A 56 -1.59 -5.41 1.08
CA CYS A 56 -1.66 -5.40 -0.39
C CYS A 56 -2.03 -6.80 -0.89
N PHE A 57 -2.96 -6.88 -1.84
CA PHE A 57 -3.41 -8.17 -2.41
C PHE A 57 -2.31 -8.90 -3.19
N HIS A 58 -1.37 -8.12 -3.74
CA HIS A 58 -0.33 -8.62 -4.59
C HIS A 58 0.92 -9.03 -3.83
N CYS A 59 1.58 -8.06 -3.21
CA CYS A 59 2.83 -8.34 -2.45
C CYS A 59 2.58 -8.93 -1.07
N GLY A 60 1.36 -8.79 -0.55
CA GLY A 60 1.02 -9.22 0.81
C GLY A 60 1.58 -8.31 1.90
N GLY A 61 2.14 -7.17 1.52
CA GLY A 61 2.73 -6.24 2.47
C GLY A 61 1.67 -5.58 3.35
N GLY A 62 1.90 -5.62 4.66
CA GLY A 62 0.97 -5.08 5.68
C GLY A 62 1.40 -3.71 6.19
N LEU A 63 0.42 -2.84 6.50
CA LEU A 63 0.66 -1.48 7.02
C LEU A 63 -0.37 -1.05 8.06
N THR A 64 0.12 -0.57 9.21
CA THR A 64 -0.71 -0.15 10.33
C THR A 64 -0.31 1.27 10.76
N ASP A 65 -1.16 1.91 11.55
CA ASP A 65 -0.85 3.22 12.17
C ASP A 65 -0.67 4.32 11.14
N TRP A 66 -1.69 4.47 10.31
CA TRP A 66 -1.74 5.45 9.26
C TRP A 66 -2.03 6.83 9.84
N LYS A 67 -1.28 7.83 9.37
CA LYS A 67 -1.51 9.23 9.74
C LYS A 67 -2.34 9.93 8.65
N PRO A 68 -3.11 11.00 9.01
CA PRO A 68 -4.06 11.59 8.04
C PRO A 68 -3.44 12.18 6.76
N SER A 69 -2.22 12.67 6.86
CA SER A 69 -1.53 13.25 5.70
C SER A 69 -1.00 12.18 4.72
N GLU A 70 -0.93 10.93 5.19
CA GLU A 70 -0.18 9.89 4.50
C GLU A 70 -0.91 9.32 3.30
N ASP A 71 -0.16 9.16 2.21
CA ASP A 71 -0.68 8.71 0.93
C ASP A 71 -0.49 7.18 0.74
N PRO A 72 -1.58 6.43 0.43
CA PRO A 72 -1.45 4.97 0.22
C PRO A 72 -0.37 4.50 -0.77
N TRP A 73 -0.31 5.08 -1.97
CA TRP A 73 0.75 4.72 -2.96
C TRP A 73 2.15 5.00 -2.45
N GLU A 74 2.35 6.14 -1.76
CA GLU A 74 3.66 6.49 -1.23
C GLU A 74 4.17 5.54 -0.17
N GLN A 75 3.28 5.17 0.76
CA GLN A 75 3.59 4.22 1.81
C GLN A 75 3.84 2.83 1.23
N HIS A 76 3.06 2.48 0.20
CA HIS A 76 3.17 1.19 -0.49
C HIS A 76 4.60 1.04 -1.07
N ALA A 77 5.03 2.09 -1.78
CA ALA A 77 6.38 2.17 -2.37
C ALA A 77 7.48 2.23 -1.30
N LYS A 78 7.24 2.98 -0.23
CA LYS A 78 8.23 3.12 0.84
C LYS A 78 8.58 1.77 1.49
N TRP A 79 7.56 1.01 1.90
CA TRP A 79 7.75 -0.21 2.67
C TRP A 79 7.83 -1.49 1.83
N TYR A 80 7.17 -1.49 0.66
CA TYR A 80 7.15 -2.71 -0.22
C TYR A 80 7.60 -2.36 -1.64
N PRO A 81 8.86 -1.89 -1.77
CA PRO A 81 9.34 -1.41 -3.08
C PRO A 81 9.48 -2.52 -4.15
N GLY A 82 9.46 -3.79 -3.75
CA GLY A 82 9.51 -4.92 -4.71
C GLY A 82 8.17 -5.36 -5.29
N CYS A 83 7.07 -4.72 -4.85
CA CYS A 83 5.75 -5.04 -5.32
C CYS A 83 5.55 -4.80 -6.81
N LYS A 84 5.15 -5.87 -7.51
CA LYS A 84 5.01 -5.79 -8.96
C LYS A 84 3.70 -5.12 -9.39
N TYR A 85 2.68 -5.19 -8.53
CA TYR A 85 1.45 -4.41 -8.72
C TYR A 85 1.73 -2.90 -8.67
N LEU A 86 2.44 -2.46 -7.62
CA LEU A 86 2.96 -1.10 -7.52
C LEU A 86 3.72 -0.68 -8.78
N LEU A 87 4.62 -1.55 -9.26
CA LEU A 87 5.41 -1.23 -10.46
C LEU A 87 4.51 -1.05 -11.69
N GLU A 88 3.58 -1.99 -11.89
CA GLU A 88 2.66 -1.93 -13.04
C GLU A 88 1.82 -0.64 -13.00
N GLN A 89 1.24 -0.33 -11.84
CA GLN A 89 0.32 0.79 -11.71
C GLN A 89 0.99 2.16 -11.74
N LYS A 90 2.15 2.28 -11.10
CA LYS A 90 2.78 3.59 -10.91
C LYS A 90 4.03 3.83 -11.78
N GLY A 91 4.76 2.77 -12.11
CA GLY A 91 5.99 2.88 -12.89
C GLY A 91 7.20 3.05 -12.00
N GLN A 92 8.33 2.42 -12.37
CA GLN A 92 9.65 2.77 -11.84
C GLN A 92 9.87 4.19 -12.39
N GLU A 93 10.35 5.09 -11.54
CA GLU A 93 10.45 6.54 -11.80
C GLU A 93 9.59 7.28 -10.79
N TYR A 94 8.29 6.94 -10.72
CA TYR A 94 7.46 7.36 -9.60
C TYR A 94 8.08 6.74 -8.38
N ILE A 95 8.39 5.44 -8.49
CA ILE A 95 8.86 4.64 -7.37
C ILE A 95 10.20 5.20 -6.84
N ASN A 96 11.10 5.50 -7.77
CA ASN A 96 12.41 6.03 -7.41
C ASN A 96 12.32 7.42 -6.80
N ASN A 97 11.46 8.27 -7.40
CA ASN A 97 11.07 9.58 -6.82
C ASN A 97 10.71 9.48 -5.36
N ILE A 98 9.78 8.59 -5.03
CA ILE A 98 9.32 8.37 -3.64
C ILE A 98 10.47 7.97 -2.72
N HIS A 99 11.30 7.05 -3.20
CA HIS A 99 12.44 6.56 -2.44
C HIS A 99 13.47 7.62 -2.20
N LEU A 100 13.80 8.36 -3.25
CA LEU A 100 14.67 9.51 -3.13
C LEU A 100 14.12 10.54 -2.15
N THR A 101 12.81 10.80 -2.23
CA THR A 101 12.12 11.75 -1.36
C THR A 101 12.18 11.34 0.11
N HIS A 102 11.79 10.09 0.42
CA HIS A 102 11.81 9.67 1.81
C HIS A 102 13.25 9.56 2.39
N SER A 103 14.20 9.03 1.60
CA SER A 103 15.63 9.05 1.99
C SER A 103 16.19 10.45 2.28
N LEU A 104 15.72 11.45 1.56
CA LEU A 104 16.16 12.84 1.73
C LEU A 104 15.44 13.52 2.89
N GLU A 105 14.27 13.01 3.24
CA GLU A 105 13.60 13.43 4.48
C GLU A 105 14.35 12.87 5.68
N GLU A 106 14.72 11.59 5.57
CA GLU A 106 15.47 10.85 6.58
C GLU A 106 16.96 11.24 6.57
N CYS A 107 17.21 12.54 6.40
CA CYS A 107 18.56 13.08 6.28
C CYS A 107 18.55 14.56 6.61
N LEU A 108 17.47 15.24 6.22
CA LEU A 108 17.34 16.67 6.49
C LEU A 108 16.81 17.06 7.89
N VAL A 109 16.26 16.09 8.62
CA VAL A 109 15.90 16.29 10.05
C VAL A 109 16.94 15.74 11.04
N ARG A 110 17.77 14.79 10.59
CA ARG A 110 18.91 14.28 11.37
C ARG A 110 19.94 15.36 11.70
ZN ZN B . 1.98 -4.52 -2.99
C1 4XF C . 1.32 3.58 7.26
C2 4XF C . 2.33 3.85 8.37
N4 4XF C . 2.90 5.22 8.23
C8 4XF C . 3.47 2.83 8.36
O9 4XF C . 4.57 3.12 7.92
C11 4XF C . 3.87 0.41 8.84
C12 4XF C . 5.15 0.25 8.32
C13 4XF C . 5.73 -1.00 8.37
C14 4XF C . 5.04 -2.05 8.93
C15 4XF C . 3.74 -1.84 9.44
N10 4XF C . 3.15 1.61 8.86
N16 4XF C . 3.02 -2.82 9.98
N17 4XF C . 3.18 -0.61 9.38
H19 4XF C . 0.97 2.68 7.35
H18 4XF C . 1.77 3.67 6.39
H20 4XF C . 0.59 4.23 7.32
H3 4XF C . 1.87 3.80 9.24
H7 4XF C . 3.76 5.24 8.55
H5 4XF C . 2.40 5.81 8.72
H22 4XF C . 5.61 0.97 7.96
H23 4XF C . 6.61 -1.13 8.03
H24 4XF C . 5.43 -2.91 8.96
H21 4XF C . 2.37 1.56 9.27
H25 4XF C . 3.36 -3.63 10.02
H26 4XF C . 2.23 -2.66 10.30
H2 4XF C . 2.89 5.48 7.35
#